data_9RLM
#
_entry.id   9RLM
#
_cell.length_a   57.039
_cell.length_b   57.039
_cell.length_c   114.404
_cell.angle_alpha   90
_cell.angle_beta   90
_cell.angle_gamma   90
#
_symmetry.space_group_name_H-M   'P 43 21 2'
#
loop_
_entity.id
_entity.type
_entity.pdbx_description
1 polymer 'Peptidyl-prolyl cis-trans isomerase F, mitochondrial'
2 non-polymer "~{N}'-cyclopentyl-~{N}-[2-[(1~{R},9~{R},10~{S})-10-oxidanyl-12-oxa-8-azatricyclo[7.3.1.0^{2,7}]trideca-2(7),3,5-trien-4-yl]ethyl]ethanediamide"
3 non-polymer 'TRIETHYLENE GLYCOL'
4 non-polymer 'TETRAETHYLENE GLYCOL'
5 non-polymer 'SULFATE ION'
6 water water
#
_entity_poly.entity_id   1
_entity_poly.type   'polypeptide(L)'
_entity_poly.pdbx_seq_one_letter_code
;GNPLVYLDVDANGKPLGRVVLELKADVVPKTAENFRALCTGEKGFGYKGSTFHRVIPSFMCQAGDFTNHNGTGGKSIYGS
RFPDENFTLKHVGPGVLSMANAGPNTNGSQFFICTIKTDWLDGKHVVFGHVIEGMDVVKKIESFGSKSGRTSKKIVITDC
GQLS
;
_entity_poly.pdbx_strand_id   A
#
loop_
_chem_comp.id
_chem_comp.type
_chem_comp.name
_chem_comp.formula
A1JG4 non-polymer ~{N}'-cyclopentyl-~{N}-[2-[(1~{R},9~{R},10~{S})-10-oxidanyl-12-oxa-8-azatricyclo[7.3.1.0^{2,7}]trideca-2(7),3,5-trien-4-yl]ethyl]ethanediamide 'C20 H27 N3 O4'
PG4 non-polymer 'TETRAETHYLENE GLYCOL' 'C8 H18 O5'
PGE non-polymer 'TRIETHYLENE GLYCOL' 'C6 H14 O4'
SO4 non-polymer 'SULFATE ION' 'O4 S -2'
#
# COMPACT_ATOMS: atom_id res chain seq x y z
N GLY A 1 -2.53 -17.67 11.40
CA GLY A 1 -2.95 -16.30 11.67
C GLY A 1 -2.65 -15.38 10.52
N ASN A 2 -2.86 -14.10 10.76
CA ASN A 2 -2.62 -13.11 9.74
C ASN A 2 -1.23 -12.54 9.83
N PRO A 3 -0.58 -12.27 8.70
CA PRO A 3 0.72 -11.63 8.73
C PRO A 3 0.71 -10.22 9.31
N LEU A 4 1.81 -9.80 10.01
CA LEU A 4 2.08 -8.43 10.35
C LEU A 4 3.28 -8.01 9.56
N VAL A 5 3.16 -6.96 8.79
CA VAL A 5 4.29 -6.50 7.98
C VAL A 5 4.62 -5.06 8.31
N TYR A 6 5.75 -4.55 7.81
CA TYR A 6 6.13 -3.17 8.08
C TYR A 6 6.72 -2.50 6.87
N LEU A 7 6.55 -1.19 6.85
CA LEU A 7 7.18 -0.27 5.90
C LEU A 7 7.95 0.80 6.69
N ASP A 8 9.24 0.97 6.43
CA ASP A 8 10.01 2.10 7.01
C ASP A 8 10.10 3.13 5.91
N VAL A 9 9.65 4.36 6.21
CA VAL A 9 9.56 5.37 5.12
C VAL A 9 10.44 6.59 5.41
N ASP A 10 11.05 7.14 4.35
CA ASP A 10 11.88 8.37 4.48
C ASP A 10 11.26 9.50 3.67
N ALA A 11 11.56 10.75 4.02
CA ALA A 11 11.14 11.90 3.21
C ALA A 11 12.40 12.69 2.89
N ASN A 12 12.79 12.76 1.61
CA ASN A 12 14.05 13.41 1.24
C ASN A 12 15.23 12.84 1.99
N GLY A 13 15.25 11.53 2.15
CA GLY A 13 16.36 10.87 2.80
C GLY A 13 16.41 10.85 4.31
N LYS A 14 15.36 11.34 4.98
CA LYS A 14 15.30 11.30 6.44
C LYS A 14 14.14 10.49 6.96
N PRO A 15 14.33 9.68 7.99
CA PRO A 15 13.27 8.77 8.43
C PRO A 15 12.03 9.42 9.01
N LEU A 16 10.86 8.96 8.55
CA LEU A 16 9.59 9.37 9.12
C LEU A 16 9.12 8.38 10.18
N GLY A 17 9.60 7.14 10.13
CA GLY A 17 9.15 6.12 11.05
C GLY A 17 8.66 4.86 10.33
N ARG A 18 7.98 4.02 11.10
CA ARG A 18 7.47 2.73 10.63
C ARG A 18 5.96 2.64 10.62
N VAL A 19 5.41 2.05 9.54
CA VAL A 19 3.99 1.77 9.45
C VAL A 19 3.88 0.25 9.57
N VAL A 20 3.09 -0.27 10.54
CA VAL A 20 2.83 -1.69 10.69
C VAL A 20 1.45 -1.99 10.20
N LEU A 21 1.33 -2.99 9.33
CA LEU A 21 0.08 -3.38 8.69
C LEU A 21 -0.26 -4.81 9.02
N GLU A 22 -1.53 -5.07 9.32
CA GLU A 22 -2.06 -6.42 9.41
C GLU A 22 -2.61 -6.75 8.01
N LEU A 23 -2.30 -7.93 7.52
CA LEU A 23 -2.81 -8.37 6.23
C LEU A 23 -3.86 -9.44 6.48
N LYS A 24 -5.07 -9.21 5.96
CA LYS A 24 -6.21 -10.06 6.26
C LYS A 24 -6.24 -11.33 5.45
N ALA A 25 -5.28 -12.22 5.71
CA ALA A 25 -5.22 -13.51 5.02
C ALA A 25 -6.40 -14.41 5.28
N ASP A 26 -7.06 -14.19 6.43
CA ASP A 26 -8.28 -14.86 6.76
C ASP A 26 -9.42 -14.54 5.83
N VAL A 27 -9.40 -13.35 5.14
CA VAL A 27 -10.50 -12.99 4.24
C VAL A 27 -10.06 -13.00 2.77
N VAL A 28 -8.82 -12.53 2.52
CA VAL A 28 -8.29 -12.38 1.17
C VAL A 28 -6.87 -12.96 1.15
N PRO A 29 -6.77 -14.32 1.23
CA PRO A 29 -5.44 -14.94 1.30
C PRO A 29 -4.52 -14.65 0.12
N LYS A 30 -5.04 -14.66 -1.10
CA LYS A 30 -4.16 -14.46 -2.25
C LYS A 30 -3.64 -13.02 -2.28
N THR A 31 -4.50 -12.07 -1.94
CA THR A 31 -4.13 -10.67 -1.94
C THR A 31 -3.17 -10.36 -0.81
N ALA A 32 -3.46 -10.94 0.38
CA ALA A 32 -2.56 -10.74 1.51
C ALA A 32 -1.17 -11.35 1.20
N GLU A 33 -1.17 -12.55 0.57
CA GLU A 33 0.11 -13.20 0.31
C GLU A 33 0.97 -12.43 -0.66
N ASN A 34 0.32 -11.84 -1.68
CA ASN A 34 1.07 -10.97 -2.64
C ASN A 34 1.75 -9.82 -1.89
N PHE A 35 1.01 -9.12 -1.05
CA PHE A 35 1.62 -7.97 -0.36
C PHE A 35 2.72 -8.42 0.60
N ARG A 36 2.46 -9.54 1.31
CA ARG A 36 3.45 -10.03 2.29
C ARG A 36 4.78 -10.32 1.59
N ALA A 37 4.70 -11.06 0.47
CA ALA A 37 5.91 -11.40 -0.24
C ALA A 37 6.61 -10.22 -0.88
N LEU A 38 5.84 -9.22 -1.32
CA LEU A 38 6.46 -8.01 -1.87
C LEU A 38 7.17 -7.21 -0.78
N CYS A 39 6.68 -7.35 0.51
CA CYS A 39 7.35 -6.68 1.61
C CYS A 39 8.69 -7.41 1.95
N THR A 40 8.69 -8.75 1.92
CA THR A 40 9.93 -9.43 2.24
C THR A 40 10.93 -9.35 1.11
N GLY A 41 10.44 -9.28 -0.13
CA GLY A 41 11.28 -9.31 -1.30
C GLY A 41 11.67 -10.72 -1.69
N GLU A 42 11.03 -11.75 -1.10
CA GLU A 42 11.47 -13.14 -1.26
C GLU A 42 11.35 -13.67 -2.67
N LYS A 43 10.53 -13.06 -3.56
CA LYS A 43 10.46 -13.48 -4.97
C LYS A 43 11.49 -12.82 -5.84
N GLY A 44 12.32 -11.94 -5.30
CA GLY A 44 13.34 -11.28 -6.09
C GLY A 44 13.00 -9.86 -6.51
N PHE A 45 11.82 -9.37 -6.06
CA PHE A 45 11.40 -8.02 -6.33
C PHE A 45 10.40 -7.62 -5.25
N GLY A 46 10.11 -6.34 -5.13
CA GLY A 46 9.18 -5.90 -4.10
C GLY A 46 9.32 -4.45 -3.84
N TYR A 47 8.75 -4.06 -2.69
CA TYR A 47 8.60 -2.64 -2.39
C TYR A 47 9.85 -1.93 -1.94
N LYS A 48 10.86 -2.64 -1.45
CA LYS A 48 12.07 -1.95 -0.95
C LYS A 48 12.69 -1.01 -2.00
N GLY A 49 12.88 0.25 -1.66
CA GLY A 49 13.48 1.23 -2.56
C GLY A 49 12.49 1.96 -3.42
N SER A 50 11.17 1.61 -3.33
CA SER A 50 10.17 2.27 -4.13
C SER A 50 9.47 3.38 -3.35
N THR A 51 8.56 4.13 -3.98
CA THR A 51 8.07 5.40 -3.45
C THR A 51 6.58 5.42 -3.20
N PHE A 52 6.13 6.41 -2.43
CA PHE A 52 4.72 6.80 -2.40
C PHE A 52 4.66 7.90 -3.49
N HIS A 53 4.15 7.57 -4.67
CA HIS A 53 4.21 8.50 -5.81
C HIS A 53 3.00 9.40 -5.92
N ARG A 54 1.91 9.10 -5.18
CA ARG A 54 0.71 9.92 -5.31
C ARG A 54 0.11 10.00 -3.95
N VAL A 55 0.05 11.20 -3.38
CA VAL A 55 -0.42 11.35 -1.98
C VAL A 55 -1.37 12.54 -1.99
N ILE A 56 -2.64 12.31 -1.63
CA ILE A 56 -3.65 13.37 -1.65
C ILE A 56 -4.14 13.55 -0.21
N PRO A 57 -3.86 14.72 0.38
CA PRO A 57 -4.31 14.97 1.77
C PRO A 57 -5.83 14.85 1.85
N SER A 58 -6.26 14.34 3.01
CA SER A 58 -7.66 14.11 3.26
C SER A 58 -8.24 13.06 2.35
N PHE A 59 -7.37 12.14 1.82
CA PHE A 59 -7.88 11.07 0.97
C PHE A 59 -7.05 9.81 1.22
N MET A 60 -5.84 9.74 0.65
CA MET A 60 -5.06 8.51 0.75
C MET A 60 -3.61 8.75 0.33
N CYS A 61 -2.76 7.76 0.66
CA CYS A 61 -1.35 7.73 0.28
C CYS A 61 -1.17 6.48 -0.61
N GLN A 62 -0.71 6.66 -1.84
CA GLN A 62 -0.58 5.55 -2.79
C GLN A 62 0.88 5.25 -3.13
N ALA A 63 1.19 3.95 -3.26
CA ALA A 63 2.55 3.50 -3.45
C ALA A 63 2.49 2.15 -4.20
N GLY A 64 3.65 1.53 -4.38
CA GLY A 64 3.74 0.20 -4.88
C GLY A 64 4.20 0.07 -6.30
N ASP A 65 4.44 1.19 -7.03
CA ASP A 65 4.90 1.06 -8.41
C ASP A 65 6.41 0.95 -8.43
N PHE A 66 6.92 -0.27 -8.16
CA PHE A 66 8.37 -0.45 -8.07
C PHE A 66 8.97 -0.72 -9.46
N THR A 67 8.19 -0.79 -10.56
CA THR A 67 8.78 -1.02 -11.89
C THR A 67 8.93 0.28 -12.63
N ASN A 68 7.96 1.20 -12.56
CA ASN A 68 8.02 2.46 -13.31
C ASN A 68 8.10 3.66 -12.44
N HIS A 69 7.80 3.55 -11.13
CA HIS A 69 7.91 4.63 -10.18
C HIS A 69 7.05 5.85 -10.52
N ASN A 70 5.92 5.61 -11.25
CA ASN A 70 5.12 6.77 -11.67
C ASN A 70 3.63 6.52 -11.66
N GLY A 71 3.18 5.38 -11.14
CA GLY A 71 1.76 5.06 -11.13
C GLY A 71 1.30 4.23 -12.28
N THR A 72 2.15 3.93 -13.26
CA THR A 72 1.72 3.10 -14.38
C THR A 72 2.09 1.64 -14.23
N GLY A 73 2.97 1.30 -13.28
CA GLY A 73 3.50 -0.05 -13.20
C GLY A 73 3.22 -0.79 -11.90
N GLY A 74 4.19 -1.60 -11.56
CA GLY A 74 4.08 -2.59 -10.50
C GLY A 74 3.64 -3.92 -11.09
N LYS A 75 3.90 -4.99 -10.35
CA LYS A 75 3.51 -6.34 -10.75
C LYS A 75 3.32 -7.18 -9.52
N SER A 76 2.54 -8.23 -9.64
CA SER A 76 2.29 -9.11 -8.51
C SER A 76 3.26 -10.25 -8.49
N ILE A 77 3.30 -11.00 -7.38
CA ILE A 77 4.14 -12.21 -7.34
C ILE A 77 3.57 -13.30 -8.23
N TYR A 78 2.36 -13.16 -8.76
CA TYR A 78 1.78 -14.19 -9.58
C TYR A 78 2.02 -13.93 -11.06
N GLY A 79 2.21 -12.69 -11.44
CA GLY A 79 2.26 -12.25 -12.82
C GLY A 79 1.90 -10.78 -12.89
N SER A 80 1.65 -10.24 -14.07
CA SER A 80 1.45 -8.79 -14.20
C SER A 80 0.17 -8.28 -13.61
N ARG A 81 -0.81 -9.12 -13.44
CA ARG A 81 -2.11 -8.76 -12.85
C ARG A 81 -2.76 -10.00 -12.31
N PHE A 82 -3.67 -9.81 -11.34
CA PHE A 82 -4.42 -10.92 -10.80
C PHE A 82 -5.86 -10.50 -10.47
N PRO A 83 -6.77 -11.44 -10.38
CA PRO A 83 -8.18 -11.09 -10.20
C PRO A 83 -8.49 -10.43 -8.87
N ASP A 84 -9.65 -9.71 -8.84
CA ASP A 84 -10.23 -9.20 -7.59
C ASP A 84 -10.70 -10.43 -6.77
N GLU A 85 -10.08 -10.63 -5.60
CA GLU A 85 -10.35 -11.82 -4.80
C GLU A 85 -11.77 -11.83 -4.26
N ASN A 86 -12.13 -10.75 -3.61
CA ASN A 86 -13.51 -10.53 -3.14
C ASN A 86 -13.56 -9.07 -2.70
N PHE A 87 -14.78 -8.57 -2.38
CA PHE A 87 -14.91 -7.22 -1.87
C PHE A 87 -15.52 -7.28 -0.45
N THR A 88 -15.17 -8.30 0.32
CA THR A 88 -15.78 -8.52 1.64
C THR A 88 -15.44 -7.36 2.57
N LEU A 89 -14.19 -6.98 2.63
CA LEU A 89 -13.79 -5.87 3.49
C LEU A 89 -14.12 -4.54 2.84
N LYS A 90 -14.52 -3.56 3.66
CA LYS A 90 -14.92 -2.27 3.13
C LYS A 90 -13.98 -1.15 3.55
N HIS A 91 -14.06 0.01 2.87
CA HIS A 91 -13.21 1.15 3.15
C HIS A 91 -13.94 1.93 4.23
N VAL A 92 -13.73 1.47 5.45
CA VAL A 92 -14.52 1.94 6.58
C VAL A 92 -13.99 3.19 7.23
N GLY A 93 -12.73 3.55 7.02
CA GLY A 93 -12.16 4.72 7.67
C GLY A 93 -10.68 4.82 7.47
N PRO A 94 -10.04 5.78 8.10
CA PRO A 94 -8.58 5.93 7.98
C PRO A 94 -7.89 4.66 8.41
N GLY A 95 -6.77 4.37 7.75
CA GLY A 95 -5.95 3.22 8.06
C GLY A 95 -6.22 2.00 7.20
N VAL A 96 -7.30 2.00 6.42
CA VAL A 96 -7.59 0.89 5.51
C VAL A 96 -6.49 0.79 4.45
N LEU A 97 -6.07 -0.47 4.23
CA LEU A 97 -5.07 -0.81 3.21
C LEU A 97 -5.82 -1.52 2.05
N SER A 98 -5.67 -0.99 0.81
CA SER A 98 -6.48 -1.45 -0.29
C SER A 98 -5.66 -1.45 -1.58
N MET A 99 -6.10 -2.30 -2.53
CA MET A 99 -5.35 -2.40 -3.80
C MET A 99 -5.77 -1.35 -4.78
N ALA A 100 -4.81 -0.71 -5.39
CA ALA A 100 -5.06 0.17 -6.55
C ALA A 100 -5.32 -0.74 -7.77
N ASN A 101 -5.97 -0.23 -8.79
CA ASN A 101 -6.19 -1.04 -9.99
C ASN A 101 -6.52 -0.16 -11.17
N ALA A 102 -6.56 -0.77 -12.33
CA ALA A 102 -6.89 -0.06 -13.58
C ALA A 102 -8.20 -0.67 -14.14
N GLY A 103 -9.13 -0.96 -13.24
CA GLY A 103 -10.41 -1.60 -13.57
C GLY A 103 -10.51 -3.00 -13.04
N PRO A 104 -11.59 -3.71 -13.32
CA PRO A 104 -11.78 -5.04 -12.75
C PRO A 104 -10.62 -5.99 -13.07
N ASN A 105 -10.21 -6.74 -12.07
CA ASN A 105 -9.24 -7.81 -12.27
C ASN A 105 -7.88 -7.32 -12.81
N THR A 106 -7.34 -6.26 -12.19
CA THR A 106 -6.06 -5.68 -12.60
C THR A 106 -5.18 -5.34 -11.40
N ASN A 107 -5.29 -6.17 -10.33
CA ASN A 107 -4.42 -5.96 -9.17
C ASN A 107 -2.99 -6.30 -9.59
N GLY A 108 -2.03 -5.55 -9.09
CA GLY A 108 -0.61 -5.81 -9.35
C GLY A 108 0.11 -5.71 -8.01
N SER A 109 0.83 -4.60 -7.82
CA SER A 109 1.47 -4.29 -6.55
C SER A 109 1.07 -2.93 -6.00
N GLN A 110 0.46 -2.03 -6.81
CA GLN A 110 0.12 -0.71 -6.27
C GLN A 110 -0.97 -0.83 -5.23
N PHE A 111 -0.86 0.03 -4.21
CA PHE A 111 -1.79 -0.04 -3.10
C PHE A 111 -1.96 1.33 -2.52
N PHE A 112 -2.91 1.46 -1.59
CA PHE A 112 -3.04 2.77 -0.92
C PHE A 112 -3.48 2.56 0.50
N ILE A 113 -3.10 3.53 1.30
CA ILE A 113 -3.49 3.58 2.74
C ILE A 113 -4.38 4.80 2.88
N CYS A 114 -5.63 4.54 3.30
CA CYS A 114 -6.63 5.62 3.40
C CYS A 114 -6.35 6.51 4.59
N THR A 115 -6.62 7.78 4.42
CA THR A 115 -6.55 8.72 5.56
C THR A 115 -7.95 9.25 5.91
N ILE A 116 -9.01 8.78 5.28
CA ILE A 116 -10.41 9.04 5.53
C ILE A 116 -11.20 7.79 5.15
N LYS A 117 -12.50 7.80 5.44
CA LYS A 117 -13.36 6.69 4.96
C LYS A 117 -13.57 6.90 3.45
N THR A 118 -13.23 5.90 2.64
CA THR A 118 -13.37 6.01 1.16
C THR A 118 -14.40 4.98 0.70
N ASP A 119 -15.62 5.06 1.25
CA ASP A 119 -16.68 4.05 0.96
C ASP A 119 -17.07 4.02 -0.52
N TRP A 120 -16.82 5.10 -1.26
CA TRP A 120 -17.15 5.13 -2.71
C TRP A 120 -16.28 4.14 -3.49
N LEU A 121 -15.25 3.59 -2.84
CA LEU A 121 -14.37 2.59 -3.47
C LEU A 121 -14.81 1.18 -3.14
N ASP A 122 -15.83 0.97 -2.25
CA ASP A 122 -16.29 -0.36 -1.91
C ASP A 122 -16.82 -1.07 -3.13
N GLY A 123 -16.41 -2.32 -3.28
CA GLY A 123 -16.86 -3.13 -4.40
C GLY A 123 -16.05 -2.90 -5.67
N LYS A 124 -15.11 -1.94 -5.64
CA LYS A 124 -14.27 -1.65 -6.79
C LYS A 124 -12.79 -1.91 -6.48
N HIS A 125 -12.36 -1.67 -5.23
CA HIS A 125 -10.97 -1.95 -4.84
C HIS A 125 -10.97 -2.96 -3.73
N VAL A 126 -10.06 -3.94 -3.78
CA VAL A 126 -9.99 -4.99 -2.78
C VAL A 126 -9.25 -4.51 -1.58
N VAL A 127 -9.99 -4.41 -0.47
CA VAL A 127 -9.39 -4.08 0.83
C VAL A 127 -8.76 -5.36 1.41
N PHE A 128 -7.53 -5.24 1.95
CA PHE A 128 -6.87 -6.48 2.41
C PHE A 128 -6.12 -6.30 3.71
N GLY A 129 -6.32 -5.19 4.40
CA GLY A 129 -5.70 -5.05 5.71
C GLY A 129 -5.87 -3.67 6.24
N HIS A 130 -5.14 -3.36 7.31
CA HIS A 130 -5.23 -2.06 7.95
C HIS A 130 -4.00 -1.77 8.76
N VAL A 131 -3.83 -0.48 9.07
CA VAL A 131 -2.73 -0.01 9.92
C VAL A 131 -2.94 -0.46 11.38
N ILE A 132 -1.93 -1.15 11.91
CA ILE A 132 -1.93 -1.56 13.32
C ILE A 132 -1.27 -0.47 14.14
N GLU A 133 -0.17 0.10 13.69
CA GLU A 133 0.57 1.19 14.32
C GLU A 133 1.27 2.01 13.26
N GLY A 134 1.61 3.23 13.61
CA GLY A 134 2.27 4.12 12.68
C GLY A 134 1.31 4.95 11.87
N MET A 135 0.06 5.12 12.34
CA MET A 135 -0.85 6.07 11.68
C MET A 135 -0.25 7.49 11.71
N ASP A 136 0.58 7.82 12.75
CA ASP A 136 1.26 9.13 12.74
C ASP A 136 2.27 9.26 11.57
N VAL A 137 2.91 8.14 11.20
CA VAL A 137 3.83 8.15 10.07
C VAL A 137 3.02 8.32 8.78
N VAL A 138 1.85 7.65 8.69
CA VAL A 138 0.96 7.85 7.52
C VAL A 138 0.55 9.33 7.41
N LYS A 139 0.23 9.97 8.57
CA LYS A 139 -0.12 11.38 8.53
C LYS A 139 1.09 12.26 8.14
N LYS A 140 2.32 11.86 8.49
CA LYS A 140 3.49 12.62 8.01
C LYS A 140 3.61 12.50 6.47
N ILE A 141 3.43 11.24 5.92
CA ILE A 141 3.48 11.08 4.45
C ILE A 141 2.40 11.95 3.82
N GLU A 142 1.17 11.90 4.37
CA GLU A 142 0.03 12.68 3.87
C GLU A 142 0.34 14.16 3.76
N SER A 143 1.08 14.67 4.75
CA SER A 143 1.43 16.10 4.78
C SER A 143 2.35 16.54 3.64
N PHE A 144 3.05 15.61 3.03
CA PHE A 144 3.92 15.91 1.90
C PHE A 144 3.19 15.71 0.56
N GLY A 145 1.88 15.47 0.57
CA GLY A 145 1.15 15.35 -0.68
C GLY A 145 0.56 16.68 -1.10
N SER A 146 -0.34 16.63 -2.07
CA SER A 146 -1.02 17.85 -2.53
C SER A 146 -2.33 17.41 -3.16
N LYS A 147 -3.23 18.35 -3.42
CA LYS A 147 -4.51 17.98 -4.01
C LYS A 147 -4.34 17.28 -5.39
N SER A 148 -3.29 17.66 -6.12
CA SER A 148 -2.99 17.02 -7.43
C SER A 148 -2.44 15.59 -7.26
N GLY A 149 -2.00 15.24 -6.06
CA GLY A 149 -1.33 13.97 -5.75
C GLY A 149 0.19 14.06 -5.81
N ARG A 150 0.74 15.10 -6.44
CA ARG A 150 2.20 15.25 -6.51
C ARG A 150 2.78 15.49 -5.13
N THR A 151 3.88 14.83 -4.81
CA THR A 151 4.50 14.99 -3.50
C THR A 151 5.53 16.11 -3.54
N SER A 152 5.73 16.77 -2.41
CA SER A 152 6.67 17.90 -2.34
C SER A 152 8.07 17.45 -1.85
N LYS A 153 8.18 16.21 -1.37
CA LYS A 153 9.43 15.58 -0.97
C LYS A 153 9.37 14.15 -1.58
N LYS A 154 10.53 13.54 -1.84
CA LYS A 154 10.56 12.17 -2.35
C LYS A 154 10.33 11.23 -1.16
N ILE A 155 9.20 10.48 -1.21
CA ILE A 155 8.81 9.62 -0.11
C ILE A 155 9.16 8.17 -0.47
N VAL A 156 10.13 7.59 0.21
CA VAL A 156 10.68 6.28 -0.16
C VAL A 156 10.50 5.25 0.94
N ILE A 157 10.07 4.04 0.54
CA ILE A 157 10.01 2.89 1.46
C ILE A 157 11.45 2.35 1.49
N THR A 158 12.25 2.78 2.46
CA THR A 158 13.66 2.37 2.50
C THR A 158 13.86 0.91 2.88
N ASP A 159 12.96 0.38 3.69
N ASP A 159 12.96 0.40 3.74
CA ASP A 159 13.01 -1.01 4.13
CA ASP A 159 13.02 -0.98 4.24
C ASP A 159 11.57 -1.51 4.33
C ASP A 159 11.59 -1.51 4.46
N CYS A 160 11.38 -2.82 4.31
CA CYS A 160 10.05 -3.40 4.55
C CYS A 160 10.26 -4.88 4.81
N GLY A 161 9.29 -5.50 5.46
CA GLY A 161 9.42 -6.92 5.77
C GLY A 161 8.27 -7.41 6.60
N GLN A 162 8.47 -8.59 7.20
CA GLN A 162 7.44 -9.24 7.96
C GLN A 162 7.85 -9.34 9.42
N LEU A 163 6.97 -8.95 10.32
CA LEU A 163 7.21 -9.04 11.78
C LEU A 163 6.72 -10.35 12.36
N SER A 164 5.65 -10.95 11.83
CA SER A 164 5.09 -12.25 12.24
C SER A 164 4.06 -12.77 11.26
C2 A1JG4 B . -5.77 3.61 -8.27
C4 A1JG4 B . -6.49 4.22 -6.02
C5 A1JG4 B . -6.07 5.26 -4.96
C6 A1JG4 B . -7.40 5.77 -4.35
C7 A1JG4 B . -8.40 5.71 -5.52
C8 A1JG4 B . -7.98 4.45 -6.28
C12 A1JG4 B . -4.23 3.28 -11.70
C15 A1JG4 B . -1.94 0.65 -12.77
C16 A1JG4 B . -1.64 -0.71 -12.80
C17 A1JG4 B . -0.91 -1.32 -13.99
C18 A1JG4 B . -0.07 -2.49 -13.46
C19 A1JG4 B . -1.02 -3.48 -12.79
C21 A1JG4 B . -2.01 -1.50 -11.67
C23 A1JG4 B . -2.95 0.45 -10.61
C24 A1JG4 B . -2.09 -4.01 -13.76
O26 A1JG4 B . -1.45 -4.80 -14.78
C27 A1JG4 B . -2.83 -2.83 -14.44
O28 A1JG4 B . -1.89 -1.87 -14.92
O1 A1JG4 B . -6.46 2.59 -8.27
N3 A1JG4 B . -5.68 4.46 -7.23
C9 A1JG4 B . -4.86 3.98 -9.41
O10 A1JG4 B . -4.13 4.93 -9.37
N11 A1JG4 B . -4.93 3.10 -10.41
C13 A1JG4 B . -2.80 2.76 -11.69
C14 A1JG4 B . -2.60 1.24 -11.71
N20 A1JG4 B . -1.67 -2.86 -11.60
C22 A1JG4 B . -2.65 -0.91 -10.60
C1 PGE C . -11.60 12.58 -6.17
O1 PGE C . -11.05 12.41 -7.24
C2 PGE C . -12.02 11.54 -5.45
O2 PGE C . -12.64 11.81 -4.16
C3 PGE C . -11.73 12.26 -3.12
C4 PGE C . -12.15 12.98 -2.10
O4 PGE C . -9.29 16.34 -1.70
C6 PGE C . -9.61 15.17 -1.66
C5 PGE C . -10.79 14.82 -1.15
O3 PGE C . -11.17 13.42 -1.13
O1 PG4 D . -12.76 3.61 11.64
C1 PG4 D . -12.18 2.79 10.90
C2 PG4 D . -10.86 2.70 10.91
O2 PG4 D . -10.26 1.72 10.00
C3 PG4 D . -10.60 0.33 10.28
C4 PG4 D . -9.99 -0.66 9.59
O3 PG4 D . -10.35 -1.99 10.00
C5 PG4 D . -9.96 -2.21 11.40
C6 PG4 D . -9.81 -3.42 11.93
O4 PG4 D . -9.44 -3.39 13.35
C7 PG4 D . -10.54 -3.11 14.27
C8 PG4 D . -10.37 -3.18 15.61
O5 PG4 D . -11.34 -2.98 16.37
S SO4 E . -2.45 22.08 -2.90
O1 SO4 E . -3.83 22.54 -3.11
O2 SO4 E . -1.72 23.07 -2.10
O3 SO4 E . -2.53 20.83 -2.13
O4 SO4 E . -1.69 21.97 -4.17
#